data_6CPD
#
_entry.id   6CPD
#
_cell.length_a   83.255
_cell.length_b   83.255
_cell.length_c   70.963
_cell.angle_alpha   90.00
_cell.angle_beta   90.00
_cell.angle_gamma   120.00
#
_symmetry.space_group_name_H-M   'P 32 2 1'
#
loop_
_entity.id
_entity.type
_entity.pdbx_description
1 polymer PmoD
2 non-polymer 'SULFATE ION'
3 non-polymer 'COPPER (I) ION'
4 water water
#
_entity_poly.entity_id   1
_entity_poly.type   'polypeptide(L)'
_entity_poly.pdbx_seq_one_letter_code
;SMGNMCMVMFGYDMIHITVFQPDKSRSEYCDEIPATGRTIMAFDIENPAFRDLPLELRIIRDPLTPVLPTGEKELDALTE
LHLPAKKYSKGTFSVEHNFANNGHYIGLVTLTRESGQQETAQFKFMVG
;
_entity_poly.pdbx_strand_id   A,B
#
# COMPACT_ATOMS: atom_id res chain seq x y z
N GLY A 3 2.72 -6.62 -1.36
CA GLY A 3 3.18 -7.07 -2.66
C GLY A 3 4.37 -6.25 -3.11
N ASN A 4 4.13 -5.31 -4.00
CA ASN A 4 5.08 -4.23 -4.14
C ASN A 4 4.43 -2.91 -3.75
N MET A 5 3.11 -2.94 -3.57
CA MET A 5 2.44 -1.67 -3.32
C MET A 5 1.97 -1.53 -1.88
N CYS A 6 1.75 -2.66 -1.20
CA CYS A 6 1.17 -2.62 0.14
C CYS A 6 2.24 -2.78 1.23
N MET A 7 2.41 -1.77 2.08
CA MET A 7 3.55 -1.77 2.98
C MET A 7 3.36 -0.80 4.15
N VAL A 8 4.19 -0.99 5.17
CA VAL A 8 4.43 0.04 6.17
C VAL A 8 5.89 0.51 6.04
N MET A 9 6.14 1.81 6.23
CA MET A 9 7.44 2.43 5.93
C MET A 9 8.20 2.74 7.21
N PHE A 10 9.50 2.49 7.17
CA PHE A 10 10.45 3.02 8.16
C PHE A 10 11.46 3.86 7.39
N GLY A 11 11.14 5.13 7.19
CA GLY A 11 11.98 5.96 6.35
C GLY A 11 11.85 5.46 4.93
N TYR A 12 12.97 5.08 4.31
CA TYR A 12 12.97 4.52 2.96
C TYR A 12 12.73 3.01 2.97
N ASP A 13 12.86 2.40 4.15
CA ASP A 13 12.74 0.94 4.32
C ASP A 13 11.29 0.51 4.44
N MET A 14 10.97 -0.67 3.92
CA MET A 14 9.60 -1.15 3.93
C MET A 14 9.42 -2.56 4.52
N ILE A 15 8.24 -2.79 5.08
CA ILE A 15 7.78 -4.15 5.36
C ILE A 15 6.52 -4.34 4.52
N HIS A 16 6.54 -5.31 3.60
CA HIS A 16 5.35 -5.51 2.76
C HIS A 16 4.30 -6.31 3.53
N ILE A 17 3.05 -5.97 3.29
CA ILE A 17 1.93 -6.55 4.01
C ILE A 17 0.91 -7.09 3.01
N THR A 18 0.38 -8.27 3.29
CA THR A 18 -0.72 -8.84 2.52
C THR A 18 -1.80 -9.25 3.50
N VAL A 19 -3.06 -9.01 3.16
CA VAL A 19 -4.15 -9.36 4.06
C VAL A 19 -5.10 -10.33 3.36
N PHE A 20 -5.45 -11.43 4.02
CA PHE A 20 -6.43 -12.37 3.49
C PHE A 20 -7.54 -12.68 4.47
N GLN A 21 -8.68 -13.12 3.91
CA GLN A 21 -9.79 -13.63 4.71
C GLN A 21 -10.26 -14.94 4.09
N PRO A 22 -9.57 -16.05 4.43
CA PRO A 22 -9.71 -17.37 3.83
C PRO A 22 -11.12 -17.97 3.91
N ASP A 23 -11.90 -17.60 4.93
CA ASP A 23 -13.26 -18.15 5.06
C ASP A 23 -14.21 -17.50 4.07
N LYS A 24 -13.82 -16.34 3.58
CA LYS A 24 -14.72 -15.49 2.81
C LYS A 24 -14.41 -15.47 1.32
N SER A 25 -13.13 -15.50 0.95
CA SER A 25 -12.75 -15.14 -0.40
C SER A 25 -11.33 -15.57 -0.74
N ARG A 26 -11.01 -15.62 -2.03
CA ARG A 26 -9.65 -15.94 -2.42
C ARG A 26 -8.88 -14.65 -2.77
N SER A 27 -9.50 -13.49 -2.54
CA SER A 27 -8.87 -12.22 -2.83
C SER A 27 -7.82 -11.79 -1.81
N GLU A 28 -7.00 -10.81 -2.19
CA GLU A 28 -6.01 -10.24 -1.29
C GLU A 28 -6.29 -8.77 -1.12
N TYR A 29 -6.14 -8.29 0.11
CA TYR A 29 -6.49 -6.92 0.45
C TYR A 29 -5.28 -6.20 1.01
N CYS A 30 -5.44 -4.90 1.25
CA CYS A 30 -4.37 -4.13 1.84
C CYS A 30 -4.93 -3.34 3.02
N ASP A 31 -5.32 -2.08 2.82
CA ASP A 31 -5.75 -1.31 4.00
C ASP A 31 -7.27 -1.18 4.12
N GLU A 32 -7.98 -1.90 3.27
CA GLU A 32 -9.43 -2.00 3.37
C GLU A 32 -9.88 -3.46 3.46
N ILE A 33 -10.18 -3.93 4.66
CA ILE A 33 -10.64 -5.30 4.87
C ILE A 33 -12.18 -5.32 4.77
N PRO A 34 -12.73 -6.11 3.84
CA PRO A 34 -14.13 -5.82 3.51
C PRO A 34 -15.14 -6.25 4.58
N ALA A 35 -14.80 -7.27 5.36
CA ALA A 35 -15.75 -7.87 6.28
C ALA A 35 -15.14 -8.14 7.66
N THR A 36 -15.97 -8.25 8.68
CA THR A 36 -15.50 -8.71 9.96
C THR A 36 -15.24 -10.19 9.84
N GLY A 37 -14.41 -10.72 10.74
CA GLY A 37 -14.16 -12.15 10.84
C GLY A 37 -12.69 -12.53 10.74
N ARG A 38 -12.45 -13.80 10.47
CA ARG A 38 -11.09 -14.36 10.42
C ARG A 38 -10.22 -13.73 9.35
N THR A 39 -9.12 -13.15 9.79
CA THR A 39 -8.25 -12.38 8.93
C THR A 39 -6.79 -12.78 9.15
N ILE A 40 -6.05 -12.97 8.06
CA ILE A 40 -4.62 -13.26 8.18
C ILE A 40 -3.85 -12.09 7.60
N MET A 41 -2.90 -11.56 8.37
CA MET A 41 -1.99 -10.54 7.86
C MET A 41 -0.60 -11.13 7.76
N ALA A 42 -0.04 -11.12 6.57
CA ALA A 42 1.31 -11.65 6.33
C ALA A 42 2.30 -10.49 6.11
N PHE A 43 3.46 -10.56 6.77
CA PHE A 43 4.45 -9.51 6.74
C PHE A 43 5.72 -10.02 6.07
N ASP A 44 6.32 -9.23 5.19
CA ASP A 44 7.55 -9.61 4.51
C ASP A 44 8.55 -8.45 4.66
N ILE A 45 9.57 -8.68 5.47
CA ILE A 45 10.58 -7.65 5.74
C ILE A 45 11.60 -7.59 4.61
N GLU A 46 11.63 -6.48 3.89
CA GLU A 46 12.47 -6.38 2.70
C GLU A 46 13.97 -6.27 2.99
N ASN A 47 14.34 -5.46 3.99
CA ASN A 47 15.77 -5.21 4.26
C ASN A 47 16.35 -6.34 5.09
N PRO A 48 17.34 -7.06 4.54
CA PRO A 48 17.96 -8.18 5.26
C PRO A 48 18.45 -7.81 6.65
N ALA A 49 18.99 -6.61 6.83
CA ALA A 49 19.47 -6.20 8.15
C ALA A 49 18.33 -6.13 9.17
N PHE A 50 17.10 -5.91 8.72
CA PHE A 50 15.98 -5.82 9.64
C PHE A 50 15.58 -7.19 10.22
N ARG A 51 16.08 -8.26 9.62
CA ARG A 51 15.75 -9.61 10.10
C ARG A 51 16.41 -9.92 11.44
N ASP A 52 17.42 -9.14 11.81
CA ASP A 52 18.15 -9.36 13.04
C ASP A 52 17.65 -8.39 14.12
N LEU A 53 16.59 -7.67 13.79
CA LEU A 53 16.08 -6.64 14.68
C LEU A 53 14.77 -7.08 15.34
N PRO A 54 14.70 -6.94 16.67
CA PRO A 54 13.47 -7.21 17.43
C PRO A 54 12.31 -6.37 16.88
N LEU A 55 11.18 -7.02 16.62
CA LEU A 55 10.02 -6.34 16.04
C LEU A 55 8.79 -6.67 16.88
N GLU A 56 8.11 -5.62 17.34
CA GLU A 56 6.90 -5.75 18.15
C GLU A 56 5.72 -5.24 17.33
N LEU A 57 4.57 -5.90 17.46
CA LEU A 57 3.37 -5.44 16.75
C LEU A 57 2.21 -5.27 17.73
N ARG A 58 1.56 -4.11 17.67
CA ARG A 58 0.34 -3.93 18.44
C ARG A 58 -0.71 -3.34 17.49
N ILE A 59 -1.85 -4.01 17.36
CA ILE A 59 -2.95 -3.46 16.59
C ILE A 59 -4.00 -2.91 17.56
N ILE A 60 -4.33 -1.61 17.39
CA ILE A 60 -5.33 -0.93 18.23
C ILE A 60 -6.49 -0.39 17.40
N ARG A 61 -7.65 -0.22 18.03
CA ARG A 61 -8.70 0.59 17.43
C ARG A 61 -8.20 2.02 17.38
N ASP A 62 -8.45 2.71 16.26
CA ASP A 62 -7.98 4.08 16.05
C ASP A 62 -8.80 5.08 16.88
N PRO A 63 -8.14 5.79 17.82
CA PRO A 63 -8.87 6.74 18.66
C PRO A 63 -9.18 8.05 17.93
N LEU A 64 -8.69 8.17 16.71
CA LEU A 64 -8.92 9.35 15.87
C LEU A 64 -8.59 10.66 16.57
N THR A 65 -7.48 10.70 17.31
CA THR A 65 -6.96 11.94 17.89
C THR A 65 -5.55 12.21 17.40
N PRO A 66 -5.20 13.49 17.29
CA PRO A 66 -3.85 13.83 16.83
C PRO A 66 -2.75 13.17 17.67
N VAL A 67 -2.87 13.19 19.00
CA VAL A 67 -1.82 12.59 19.81
C VAL A 67 -2.29 11.22 20.28
N LEU A 68 -1.53 10.22 19.85
CA LEU A 68 -1.76 8.85 20.25
C LEU A 68 -1.35 8.64 21.69
N PRO A 69 -2.20 7.93 22.44
CA PRO A 69 -1.79 7.57 23.80
C PRO A 69 -0.52 6.72 23.77
N THR A 70 0.35 6.90 24.74
CA THR A 70 1.58 6.11 24.84
C THR A 70 1.60 5.29 26.12
N GLY A 71 0.76 5.68 27.08
CA GLY A 71 0.63 4.99 28.35
C GLY A 71 0.06 3.59 28.15
N GLU A 72 0.59 2.62 28.89
CA GLU A 72 0.29 1.21 28.66
C GLU A 72 -1.16 0.84 28.92
N LYS A 73 -1.78 1.46 29.92
CA LYS A 73 -3.18 1.22 30.22
C LYS A 73 -4.04 1.73 29.07
N GLU A 74 -3.68 2.89 28.55
CA GLU A 74 -4.44 3.52 27.48
C GLU A 74 -4.31 2.71 26.20
N LEU A 75 -3.09 2.26 25.88
CA LEU A 75 -2.92 1.41 24.69
C LEU A 75 -3.66 0.09 24.90
N ASP A 76 -3.59 -0.45 26.11
CA ASP A 76 -4.29 -1.71 26.38
C ASP A 76 -5.80 -1.58 26.21
N ALA A 77 -6.37 -0.44 26.62
CA ALA A 77 -7.82 -0.22 26.48
C ALA A 77 -8.25 -0.33 25.01
N LEU A 78 -7.37 0.08 24.11
CA LEU A 78 -7.66 0.09 22.67
C LEU A 78 -7.15 -1.15 21.91
N THR A 79 -6.51 -2.07 22.59
CA THR A 79 -5.73 -3.09 21.88
C THR A 79 -6.58 -4.25 21.31
N GLU A 80 -6.38 -4.54 20.02
CA GLU A 80 -6.98 -5.72 19.37
C GLU A 80 -6.06 -6.95 19.50
N LEU A 81 -4.78 -6.75 19.23
CA LEU A 81 -3.82 -7.85 19.39
C LEU A 81 -2.44 -7.27 19.66
N HIS A 82 -1.62 -8.04 20.36
CA HIS A 82 -0.28 -7.59 20.72
C HIS A 82 0.73 -8.74 20.64
N LEU A 83 1.73 -8.57 19.78
CA LEU A 83 2.84 -9.52 19.72
C LEU A 83 4.09 -8.89 20.33
N PRO A 84 4.58 -9.45 21.44
CA PRO A 84 5.80 -8.93 22.08
C PRO A 84 6.98 -8.93 21.09
N ALA A 85 7.98 -8.11 21.35
CA ALA A 85 9.14 -7.99 20.45
C ALA A 85 9.81 -9.34 20.19
N LYS A 86 10.14 -9.61 18.94
CA LYS A 86 10.76 -10.88 18.57
C LYS A 86 11.54 -10.73 17.27
N LYS A 87 12.61 -11.51 17.12
CA LYS A 87 13.34 -11.49 15.85
C LYS A 87 12.69 -12.44 14.87
N TYR A 88 12.46 -11.95 13.66
CA TYR A 88 11.92 -12.80 12.61
C TYR A 88 13.04 -13.09 11.62
N SER A 89 13.80 -14.14 11.92
CA SER A 89 15.01 -14.46 11.18
C SER A 89 14.75 -14.85 9.74
N LYS A 90 13.55 -15.34 9.47
CA LYS A 90 13.19 -15.81 8.13
C LYS A 90 12.73 -14.65 7.27
N GLY A 91 12.50 -13.50 7.91
CA GLY A 91 12.09 -12.28 7.24
C GLY A 91 10.59 -12.15 7.04
N THR A 92 9.85 -13.22 7.36
CA THR A 92 8.41 -13.24 7.15
C THR A 92 7.69 -13.80 8.36
N PHE A 93 6.44 -13.38 8.54
CA PHE A 93 5.61 -13.99 9.55
C PHE A 93 4.18 -13.61 9.26
N SER A 94 3.26 -14.36 9.83
CA SER A 94 1.86 -14.00 9.65
C SER A 94 1.18 -14.00 11.00
N VAL A 95 0.13 -13.21 11.13
CA VAL A 95 -0.68 -13.27 12.34
C VAL A 95 -2.13 -13.47 11.93
N GLU A 96 -2.88 -14.21 12.75
CA GLU A 96 -4.29 -14.42 12.45
C GLU A 96 -5.12 -13.80 13.55
N HIS A 97 -6.19 -13.12 13.17
CA HIS A 97 -7.03 -12.44 14.14
C HIS A 97 -8.45 -12.36 13.61
N ASN A 98 -9.42 -12.57 14.49
CA ASN A 98 -10.79 -12.34 14.13
C ASN A 98 -11.16 -10.89 14.51
N PHE A 99 -11.33 -10.04 13.49
CA PHE A 99 -11.82 -8.69 13.73
C PHE A 99 -13.33 -8.74 13.86
N ALA A 100 -13.83 -8.57 15.08
CA ALA A 100 -15.27 -8.69 15.31
C ALA A 100 -16.05 -7.42 14.97
N ASN A 101 -15.35 -6.29 14.91
CA ASN A 101 -16.02 -4.99 14.74
C ASN A 101 -15.53 -4.19 13.54
N ASN A 102 -16.46 -3.59 12.80
CA ASN A 102 -16.10 -2.63 11.78
C ASN A 102 -15.42 -1.44 12.43
N GLY A 103 -14.58 -0.72 11.68
CA GLY A 103 -14.01 0.50 12.20
C GLY A 103 -12.60 0.73 11.69
N HIS A 104 -11.97 1.78 12.17
CA HIS A 104 -10.61 2.12 11.78
C HIS A 104 -9.63 1.56 12.78
N TYR A 105 -8.51 1.06 12.28
CA TYR A 105 -7.49 0.44 13.10
C TYR A 105 -6.10 0.98 12.78
N ILE A 106 -5.19 0.81 13.72
CA ILE A 106 -3.80 1.22 13.51
C ILE A 106 -2.88 0.08 13.93
N GLY A 107 -1.99 -0.33 13.03
CA GLY A 107 -0.96 -1.28 13.39
C GLY A 107 0.28 -0.50 13.79
N LEU A 108 0.73 -0.69 15.02
CA LEU A 108 1.91 -0.04 15.53
C LEU A 108 3.05 -1.05 15.45
N VAL A 109 4.02 -0.81 14.57
CA VAL A 109 5.16 -1.71 14.45
C VAL A 109 6.39 -1.07 15.09
N THR A 110 6.97 -1.72 16.11
CA THR A 110 8.15 -1.17 16.77
C THR A 110 9.38 -2.04 16.52
N LEU A 111 10.41 -1.42 15.95
CA LEU A 111 11.68 -2.08 15.68
C LEU A 111 12.68 -1.60 16.71
N THR A 112 13.56 -2.49 17.16
CA THR A 112 14.65 -2.06 18.03
C THR A 112 15.92 -2.09 17.22
N ARG A 113 16.49 -0.91 16.98
CA ARG A 113 17.74 -0.79 16.25
C ARG A 113 18.82 -1.44 17.09
N GLU A 114 19.97 -1.77 16.51
CA GLU A 114 20.97 -2.43 17.34
C GLU A 114 21.82 -1.34 17.96
N SER A 115 21.43 -0.10 17.69
CA SER A 115 21.81 1.05 18.49
C SER A 115 21.01 1.05 19.79
N GLY A 116 20.05 0.14 19.85
CA GLY A 116 19.15 -0.05 20.98
C GLY A 116 18.01 0.96 21.06
N GLN A 117 17.92 1.88 20.10
CA GLN A 117 16.86 2.87 20.11
C GLN A 117 15.69 2.27 19.37
N GLN A 118 14.49 2.71 19.71
CA GLN A 118 13.31 2.09 19.15
C GLN A 118 12.66 3.04 18.17
N GLU A 119 12.21 2.49 17.05
CA GLU A 119 11.46 3.27 16.07
C GLU A 119 10.14 2.61 15.83
N THR A 120 9.07 3.40 15.84
CA THR A 120 7.73 2.90 15.58
C THR A 120 7.19 3.48 14.27
N ALA A 121 6.54 2.63 13.49
CA ALA A 121 5.81 3.06 12.30
C ALA A 121 4.36 2.61 12.44
N GLN A 122 3.44 3.33 11.79
CA GLN A 122 2.02 3.01 11.90
C GLN A 122 1.47 2.60 10.55
N PHE A 123 0.74 1.49 10.48
CA PHE A 123 -0.06 1.27 9.29
C PHE A 123 -1.53 1.35 9.65
N LYS A 124 -2.23 2.16 8.87
CA LYS A 124 -3.64 2.43 9.10
C LYS A 124 -4.51 1.65 8.14
N PHE A 125 -5.56 1.04 8.66
CA PHE A 125 -6.47 0.27 7.82
C PHE A 125 -7.86 0.31 8.41
N MET A 126 -8.83 -0.17 7.63
CA MET A 126 -10.18 -0.25 8.17
C MET A 126 -10.86 -1.57 7.82
N VAL A 127 -11.82 -1.93 8.65
CA VAL A 127 -12.60 -3.14 8.47
C VAL A 127 -14.05 -2.75 8.18
N GLY A 128 -14.62 -3.32 7.12
CA GLY A 128 -16.03 -3.14 6.83
C GLY A 128 -16.29 -1.90 6.01
N MET B 2 -7.98 7.73 4.38
CA MET B 2 -8.29 6.46 5.03
C MET B 2 -7.02 5.65 5.34
N GLY B 3 -6.81 4.58 4.58
CA GLY B 3 -5.62 3.73 4.72
C GLY B 3 -4.37 4.49 4.34
N ASN B 4 -3.23 4.06 4.85
CA ASN B 4 -1.95 4.58 4.36
C ASN B 4 -1.00 3.54 3.76
N MET B 5 -1.51 2.36 3.39
CA MET B 5 -0.58 1.25 3.11
C MET B 5 -0.32 1.00 1.64
N CYS B 6 -1.28 1.34 0.79
CA CYS B 6 -1.16 1.05 -0.63
C CYS B 6 -0.62 2.29 -1.35
N MET B 7 0.58 2.20 -1.94
CA MET B 7 1.21 3.45 -2.39
C MET B 7 2.16 3.31 -3.55
N VAL B 8 2.41 4.42 -4.22
CA VAL B 8 3.56 4.56 -5.11
C VAL B 8 4.46 5.64 -4.47
N MET B 9 5.78 5.48 -4.55
CA MET B 9 6.68 6.31 -3.76
C MET B 9 7.65 7.21 -4.53
N PHE B 10 7.81 8.45 -4.05
CA PHE B 10 8.91 9.30 -4.47
C PHE B 10 9.71 9.70 -3.25
N GLY B 11 10.66 8.88 -2.85
CA GLY B 11 11.41 9.17 -1.63
C GLY B 11 10.47 9.08 -0.45
N TYR B 12 10.33 10.15 0.31
CA TYR B 12 9.40 10.14 1.43
C TYR B 12 7.99 10.50 0.99
N ASP B 13 7.88 11.06 -0.21
CA ASP B 13 6.57 11.53 -0.65
C ASP B 13 5.82 10.39 -1.32
N MET B 14 4.60 10.12 -0.86
CA MET B 14 3.86 8.96 -1.35
C MET B 14 2.59 9.44 -2.03
N ILE B 15 2.09 8.60 -2.93
CA ILE B 15 0.77 8.78 -3.49
C ILE B 15 -0.03 7.54 -3.10
N HIS B 16 -1.11 7.73 -2.35
CA HIS B 16 -1.90 6.60 -1.91
C HIS B 16 -2.82 6.18 -3.04
N ILE B 17 -3.00 4.88 -3.17
CA ILE B 17 -3.80 4.31 -4.27
C ILE B 17 -4.88 3.38 -3.70
N THR B 18 -6.10 3.50 -4.24
CA THR B 18 -7.18 2.57 -3.92
C THR B 18 -7.76 2.04 -5.25
N VAL B 19 -8.06 0.76 -5.29
CA VAL B 19 -8.62 0.15 -6.47
C VAL B 19 -9.94 -0.49 -6.15
N PHE B 20 -10.99 -0.20 -6.92
CA PHE B 20 -12.19 -1.01 -6.76
C PHE B 20 -12.78 -1.43 -8.11
N GLN B 21 -13.62 -2.47 -8.04
CA GLN B 21 -14.24 -3.08 -9.21
C GLN B 21 -15.72 -3.23 -8.93
N PRO B 22 -16.47 -2.15 -9.20
CA PRO B 22 -17.88 -1.99 -8.82
C PRO B 22 -18.82 -3.04 -9.45
N ASP B 23 -18.45 -3.60 -10.59
CA ASP B 23 -19.29 -4.63 -11.22
C ASP B 23 -19.18 -6.00 -10.53
N LYS B 24 -18.11 -6.20 -9.76
CA LYS B 24 -17.84 -7.48 -9.12
C LYS B 24 -18.07 -7.49 -7.62
N SER B 25 -17.78 -6.38 -6.96
CA SER B 25 -17.69 -6.38 -5.52
C SER B 25 -17.71 -4.97 -4.93
N ARG B 26 -17.98 -4.88 -3.63
CA ARG B 26 -17.87 -3.61 -2.90
C ARG B 26 -16.53 -3.52 -2.15
N SER B 27 -15.65 -4.50 -2.38
CA SER B 27 -14.34 -4.51 -1.73
C SER B 27 -13.35 -3.53 -2.38
N GLU B 28 -12.24 -3.26 -1.70
CA GLU B 28 -11.19 -2.40 -2.23
C GLU B 28 -9.90 -3.19 -2.29
N TYR B 29 -9.10 -2.99 -3.33
CA TYR B 29 -7.88 -3.77 -3.52
C TYR B 29 -6.66 -2.87 -3.65
N CYS B 30 -5.49 -3.49 -3.75
CA CYS B 30 -4.26 -2.73 -3.95
C CYS B 30 -3.53 -3.29 -5.17
N ASP B 31 -2.61 -4.23 -4.99
CA ASP B 31 -1.83 -4.69 -6.13
C ASP B 31 -2.25 -6.07 -6.62
N GLU B 32 -3.28 -6.64 -6.00
CA GLU B 32 -3.85 -7.90 -6.47
C GLU B 32 -5.30 -7.65 -6.79
N ILE B 33 -5.57 -7.39 -8.06
CA ILE B 33 -6.91 -7.09 -8.53
C ILE B 33 -7.55 -8.35 -9.11
N PRO B 34 -8.60 -8.89 -8.46
CA PRO B 34 -9.05 -10.27 -8.74
C PRO B 34 -9.83 -10.48 -10.04
N ALA B 35 -10.46 -9.44 -10.58
CA ALA B 35 -11.36 -9.68 -11.72
C ALA B 35 -10.95 -8.85 -12.93
N THR B 36 -11.35 -9.32 -14.10
CA THR B 36 -11.27 -8.53 -15.31
C THR B 36 -12.47 -7.62 -15.29
N GLY B 37 -12.44 -6.54 -16.07
CA GLY B 37 -13.62 -5.70 -16.17
C GLY B 37 -13.36 -4.28 -15.67
N ARG B 38 -14.47 -3.60 -15.37
CA ARG B 38 -14.46 -2.20 -14.97
C ARG B 38 -13.65 -1.99 -13.71
N THR B 39 -12.62 -1.16 -13.83
CA THR B 39 -11.73 -0.96 -12.70
C THR B 39 -11.49 0.52 -12.51
N ILE B 40 -11.65 0.99 -11.27
CA ILE B 40 -11.40 2.38 -10.97
C ILE B 40 -10.21 2.47 -10.04
N MET B 41 -9.22 3.27 -10.43
CA MET B 41 -8.07 3.53 -9.56
C MET B 41 -8.06 4.98 -9.09
N ALA B 42 -8.09 5.16 -7.77
CA ALA B 42 -8.10 6.48 -7.17
C ALA B 42 -6.75 6.81 -6.53
N PHE B 43 -6.24 8.01 -6.84
CA PHE B 43 -4.93 8.47 -6.40
C PHE B 43 -5.10 9.64 -5.44
N ASP B 44 -4.36 9.60 -4.33
CA ASP B 44 -4.41 10.65 -3.31
C ASP B 44 -2.96 11.07 -3.03
N ILE B 45 -2.59 12.25 -3.49
CA ILE B 45 -1.23 12.73 -3.35
C ILE B 45 -0.97 13.25 -1.94
N GLU B 46 -0.05 12.64 -1.19
CA GLU B 46 0.13 13.01 0.22
C GLU B 46 0.78 14.38 0.42
N ASN B 47 1.77 14.72 -0.38
CA ASN B 47 2.49 15.99 -0.24
C ASN B 47 1.78 17.11 -1.02
N PRO B 48 1.28 18.13 -0.31
CA PRO B 48 0.60 19.27 -0.95
C PRO B 48 1.41 19.98 -2.03
N ALA B 49 2.73 20.03 -1.88
CA ALA B 49 3.59 20.68 -2.88
C ALA B 49 3.51 20.01 -4.25
N PHE B 50 3.16 18.73 -4.28
CA PHE B 50 3.04 17.98 -5.53
C PHE B 50 1.83 18.41 -6.33
N ARG B 51 0.93 19.19 -5.72
CA ARG B 51 -0.27 19.62 -6.44
C ARG B 51 0.06 20.62 -7.55
N ASP B 52 1.24 21.20 -7.50
CA ASP B 52 1.64 22.19 -8.48
C ASP B 52 2.60 21.55 -9.49
N LEU B 53 2.77 20.23 -9.39
CA LEU B 53 3.71 19.50 -10.25
C LEU B 53 3.00 18.67 -11.30
N PRO B 54 3.45 18.79 -12.56
CA PRO B 54 2.92 17.96 -13.63
C PRO B 54 3.08 16.48 -13.31
N LEU B 55 2.00 15.74 -13.44
CA LEU B 55 2.00 14.32 -13.14
C LEU B 55 1.40 13.54 -14.31
N GLU B 56 2.16 12.60 -14.84
CA GLU B 56 1.72 11.79 -15.96
C GLU B 56 1.53 10.34 -15.49
N LEU B 57 0.52 9.67 -16.02
CA LEU B 57 0.32 8.26 -15.69
C LEU B 57 0.24 7.44 -16.96
N ARG B 58 1.04 6.38 -17.03
CA ARG B 58 0.92 5.40 -18.09
C ARG B 58 0.87 4.01 -17.50
N ILE B 59 -0.18 3.27 -17.82
CA ILE B 59 -0.24 1.89 -17.36
C ILE B 59 0.13 0.99 -18.54
N ILE B 60 1.15 0.15 -18.34
CA ILE B 60 1.59 -0.75 -19.41
C ILE B 60 1.47 -2.21 -19.01
N ARG B 61 1.33 -3.06 -20.01
CA ARG B 61 1.54 -4.48 -19.83
C ARG B 61 3.01 -4.65 -19.45
N ASP B 62 3.26 -5.47 -18.44
CA ASP B 62 4.61 -5.70 -17.95
C ASP B 62 5.36 -6.60 -18.95
N PRO B 63 6.43 -6.10 -19.58
CA PRO B 63 7.13 -6.97 -20.54
C PRO B 63 8.09 -7.96 -19.88
N LEU B 64 8.26 -7.87 -18.56
CA LEU B 64 9.19 -8.74 -17.83
C LEU B 64 10.60 -8.70 -18.39
N THR B 65 11.11 -7.49 -18.59
CA THR B 65 12.48 -7.29 -19.02
C THR B 65 13.21 -6.65 -17.85
N PRO B 66 14.53 -6.85 -17.76
CA PRO B 66 15.23 -6.23 -16.64
C PRO B 66 15.01 -4.70 -16.62
N VAL B 67 15.12 -4.08 -17.78
CA VAL B 67 14.95 -2.65 -17.93
C VAL B 67 13.64 -2.28 -18.66
N LEU B 68 12.85 -1.37 -18.09
CA LEU B 68 11.67 -0.87 -18.80
C LEU B 68 12.08 -0.06 -20.02
N PRO B 69 11.36 -0.22 -21.14
CA PRO B 69 11.60 0.62 -22.33
C PRO B 69 11.45 2.09 -22.00
N THR B 70 12.23 2.94 -22.65
CA THR B 70 12.13 4.37 -22.39
C THR B 70 11.67 5.09 -23.66
N GLY B 71 11.82 4.44 -24.80
CA GLY B 71 11.36 5.00 -26.07
C GLY B 71 9.84 5.06 -26.09
N GLU B 72 9.30 6.18 -26.59
CA GLU B 72 7.87 6.44 -26.50
C GLU B 72 7.10 5.48 -27.44
N LYS B 73 7.71 5.10 -28.55
CA LYS B 73 7.09 4.14 -29.45
C LYS B 73 7.01 2.75 -28.79
N GLU B 74 8.07 2.37 -28.08
CA GLU B 74 8.12 1.07 -27.41
C GLU B 74 7.14 1.06 -26.25
N LEU B 75 7.10 2.14 -25.50
CA LEU B 75 6.15 2.26 -24.41
C LEU B 75 4.72 2.25 -24.94
N ASP B 76 4.49 2.89 -26.08
CA ASP B 76 3.15 2.92 -26.66
C ASP B 76 2.63 1.51 -27.02
N ALA B 77 3.52 0.68 -27.56
CA ALA B 77 3.19 -0.70 -27.91
C ALA B 77 2.66 -1.49 -26.71
N LEU B 78 3.12 -1.12 -25.53
CA LEU B 78 2.75 -1.81 -24.29
C LEU B 78 1.57 -1.16 -23.54
N THR B 79 1.06 -0.04 -24.05
CA THR B 79 0.19 0.80 -23.21
C THR B 79 -1.27 0.36 -23.12
N GLU B 80 -1.76 0.24 -21.88
CA GLU B 80 -3.18 -0.02 -21.61
C GLU B 80 -3.95 1.26 -21.47
N LEU B 81 -3.34 2.22 -20.79
CA LEU B 81 -3.96 3.52 -20.60
C LEU B 81 -2.91 4.58 -20.45
N HIS B 82 -3.19 5.79 -20.92
CA HIS B 82 -2.23 6.89 -20.81
C HIS B 82 -2.93 8.20 -20.52
N LEU B 83 -2.56 8.82 -19.39
CA LEU B 83 -3.02 10.18 -19.09
C LEU B 83 -1.86 11.16 -19.20
N PRO B 84 -1.94 12.10 -20.14
CA PRO B 84 -0.89 13.11 -20.29
C PRO B 84 -0.65 13.91 -19.01
N ALA B 85 0.57 14.42 -18.86
CA ALA B 85 0.97 15.17 -17.68
C ALA B 85 0.05 16.35 -17.41
N LYS B 86 -0.35 16.53 -16.15
CA LYS B 86 -1.17 17.67 -15.75
C LYS B 86 -1.03 17.87 -14.24
N LYS B 87 -1.30 19.10 -13.82
CA LYS B 87 -1.29 19.44 -12.41
C LYS B 87 -2.64 19.06 -11.78
N TYR B 88 -2.60 18.34 -10.67
CA TYR B 88 -3.83 17.99 -9.94
C TYR B 88 -3.95 18.84 -8.70
N SER B 89 -4.58 19.99 -8.85
CA SER B 89 -4.62 21.00 -7.80
C SER B 89 -5.37 20.56 -6.57
N LYS B 90 -6.29 19.62 -6.71
CA LYS B 90 -7.02 19.12 -5.54
C LYS B 90 -6.26 18.00 -4.86
N GLY B 91 -5.22 17.49 -5.50
CA GLY B 91 -4.39 16.46 -4.88
C GLY B 91 -4.92 15.06 -5.12
N THR B 92 -6.08 14.96 -5.74
CA THR B 92 -6.72 13.66 -5.93
C THR B 92 -7.20 13.52 -7.37
N PHE B 93 -7.26 12.28 -7.86
CA PHE B 93 -7.90 12.02 -9.16
C PHE B 93 -8.18 10.54 -9.29
N SER B 94 -9.05 10.19 -10.23
CA SER B 94 -9.38 8.78 -10.48
C SER B 94 -9.23 8.48 -11.97
N VAL B 95 -8.90 7.23 -12.27
CA VAL B 95 -8.91 6.76 -13.65
C VAL B 95 -9.76 5.50 -13.67
N GLU B 96 -10.47 5.30 -14.78
CA GLU B 96 -11.30 4.13 -14.95
C GLU B 96 -10.82 3.38 -16.18
N HIS B 97 -10.79 2.06 -16.10
CA HIS B 97 -10.36 1.27 -17.25
C HIS B 97 -10.99 -0.11 -17.22
N ASN B 98 -11.40 -0.60 -18.37
CA ASN B 98 -11.81 -1.99 -18.45
C ASN B 98 -10.60 -2.85 -18.78
N PHE B 99 -10.13 -3.60 -17.79
CA PHE B 99 -9.08 -4.57 -18.02
C PHE B 99 -9.72 -5.82 -18.57
N ALA B 100 -9.56 -6.05 -19.87
CA ALA B 100 -10.17 -7.20 -20.53
C ALA B 100 -9.35 -8.47 -20.30
N ASN B 101 -8.08 -8.30 -19.92
CA ASN B 101 -7.16 -9.42 -19.82
C ASN B 101 -6.46 -9.57 -18.48
N ASN B 102 -6.41 -10.79 -17.98
CA ASN B 102 -5.57 -11.07 -16.83
C ASN B 102 -4.07 -10.86 -17.18
N GLY B 103 -3.25 -10.56 -16.18
CA GLY B 103 -1.81 -10.45 -16.39
C GLY B 103 -1.15 -9.47 -15.45
N HIS B 104 0.16 -9.24 -15.66
CA HIS B 104 0.91 -8.29 -14.86
C HIS B 104 0.96 -6.95 -15.56
N TYR B 105 0.80 -5.89 -14.78
CA TYR B 105 0.78 -4.53 -15.30
C TYR B 105 1.69 -3.66 -14.47
N ILE B 106 2.08 -2.52 -15.03
CA ILE B 106 2.87 -1.56 -14.31
C ILE B 106 2.27 -0.18 -14.50
N GLY B 107 1.99 0.52 -13.41
CA GLY B 107 1.59 1.91 -13.52
C GLY B 107 2.84 2.75 -13.40
N LEU B 108 3.13 3.53 -14.44
CA LEU B 108 4.27 4.43 -14.43
C LEU B 108 3.83 5.85 -14.13
N VAL B 109 4.23 6.37 -12.99
CA VAL B 109 3.87 7.73 -12.61
C VAL B 109 5.09 8.61 -12.81
N THR B 110 4.96 9.60 -13.68
CA THR B 110 6.09 10.47 -13.97
C THR B 110 5.81 11.87 -13.46
N LEU B 111 6.68 12.36 -12.59
CA LEU B 111 6.58 13.73 -12.10
C LEU B 111 7.59 14.62 -12.77
N THR B 112 7.20 15.84 -13.05
CA THR B 112 8.14 16.78 -13.55
C THR B 112 8.46 17.75 -12.43
N ARG B 113 9.69 17.70 -11.93
CA ARG B 113 10.12 18.68 -10.95
C ARG B 113 10.13 19.96 -11.75
N GLU B 114 10.06 21.12 -11.10
CA GLU B 114 10.04 22.32 -11.92
C GLU B 114 11.45 22.89 -12.02
N SER B 115 12.39 22.05 -11.59
CA SER B 115 13.78 22.11 -12.02
C SER B 115 13.83 21.57 -13.45
N GLY B 116 12.67 21.11 -13.92
CA GLY B 116 12.50 20.52 -15.24
C GLY B 116 12.94 19.06 -15.29
N GLN B 117 13.32 18.51 -14.14
CA GLN B 117 13.77 17.12 -14.11
C GLN B 117 12.60 16.19 -13.91
N GLN B 118 12.74 14.97 -14.43
CA GLN B 118 11.64 14.01 -14.37
C GLN B 118 12.02 12.85 -13.46
N GLU B 119 11.06 12.43 -12.65
CA GLU B 119 11.22 11.24 -11.83
C GLU B 119 10.07 10.30 -12.14
N THR B 120 10.38 9.03 -12.35
CA THR B 120 9.33 8.06 -12.60
C THR B 120 9.28 7.03 -11.47
N ALA B 121 8.08 6.71 -11.01
CA ALA B 121 7.91 5.66 -10.01
C ALA B 121 7.01 4.60 -10.61
N GLN B 122 7.20 3.35 -10.18
CA GLN B 122 6.44 2.23 -10.73
C GLN B 122 5.59 1.63 -9.65
N PHE B 123 4.32 1.36 -9.95
CA PHE B 123 3.60 0.46 -9.08
C PHE B 123 3.20 -0.75 -9.90
N LYS B 124 3.60 -1.91 -9.39
CA LYS B 124 3.41 -3.16 -10.10
C LYS B 124 2.18 -3.81 -9.54
N PHE B 125 1.32 -4.34 -10.41
CA PHE B 125 0.13 -5.01 -9.90
C PHE B 125 -0.29 -6.10 -10.86
N MET B 126 -1.21 -6.93 -10.42
CA MET B 126 -1.71 -7.90 -11.36
C MET B 126 -3.22 -7.97 -11.35
N VAL B 127 -3.75 -8.37 -12.50
CA VAL B 127 -5.17 -8.53 -12.69
C VAL B 127 -5.43 -10.01 -12.87
N GLY B 128 -6.37 -10.54 -12.09
CA GLY B 128 -6.75 -11.94 -12.22
C GLY B 128 -5.87 -12.85 -11.40
#